data_2GOP
#
_entry.id   2GOP
#
_cell.length_a   54.747
_cell.length_b   88.504
_cell.length_c   153.966
_cell.angle_alpha   90.00
_cell.angle_beta   90.00
_cell.angle_gamma   90.00
#
_symmetry.space_group_name_H-M   'P 21 21 21'
#
loop_
_entity.id
_entity.type
_entity.pdbx_description
1 polymer 'Trilobed Protease'
2 water water
#
_entity_poly.entity_id   1
_entity_poly.type   'polypeptide(L)'
_entity_poly.pdbx_seq_one_letter_code
;MSSIEWNEKTFAKFAYLSDPRTKGELVAYVLTKANLKDNKYENTIVIENLKNNARRFIENATMPRISPDGKKIAFMRANE
EKKVSEIWVADLETLSSKKILEAKNIRSLEWNEDSRKLLIVGFKRREDEDFIFEDDVPAWFDDLGFFDGEKTTFWIFDTE
SEEVIEEFEKPRFSSGIWHRDKIVVNVPHREIIPQYFKFWDIYIWEDGKEEKMFEKVSFYAVDSDGERILLYGKPEKKYM
SEHNKLYIYDGKEVMGILDEVDRGVGQAKIKDGKVYFTLFEEGSVNLYIWDGEIKPIAKGRHWIMGFDVDEIVVYLKETA
TRLRELFTWDGEEKQLTDYNDPIFAKL
;
_entity_poly.pdbx_strand_id   A,B
#
# COMPACT_ATOMS: atom_id res chain seq x y z
N THR A 10 16.03 -23.13 -6.86
CA THR A 10 16.57 -24.30 -7.61
C THR A 10 15.89 -24.44 -8.98
N PHE A 11 14.59 -24.17 -9.02
CA PHE A 11 13.78 -24.30 -10.23
C PHE A 11 14.25 -23.34 -11.35
N ALA A 12 13.83 -22.08 -11.27
CA ALA A 12 13.81 -21.11 -12.39
C ALA A 12 14.49 -21.50 -13.71
N LYS A 13 13.70 -22.12 -14.58
CA LYS A 13 14.12 -22.43 -15.95
C LYS A 13 13.40 -21.50 -16.93
N PHE A 14 12.69 -20.52 -16.38
CA PHE A 14 11.63 -19.82 -17.13
C PHE A 14 11.99 -18.42 -17.58
N ALA A 15 11.16 -17.90 -18.47
CA ALA A 15 11.21 -16.50 -18.89
C ALA A 15 10.10 -15.78 -18.15
N TYR A 16 10.45 -14.65 -17.52
CA TYR A 16 9.49 -13.89 -16.73
C TYR A 16 9.22 -12.54 -17.39
N LEU A 17 7.99 -12.35 -17.85
CA LEU A 17 7.60 -11.16 -18.60
C LEU A 17 6.96 -10.12 -17.69
N SER A 18 7.29 -8.85 -17.91
CA SER A 18 6.69 -7.78 -17.13
C SER A 18 6.57 -6.51 -17.95
N ASP A 19 5.69 -5.62 -17.48
CA ASP A 19 5.59 -4.26 -17.98
C ASP A 19 5.30 -4.16 -19.50
N PRO A 20 4.12 -4.65 -19.92
CA PRO A 20 3.74 -4.59 -21.34
C PRO A 20 3.41 -3.18 -21.78
N ARG A 21 3.85 -2.83 -22.98
CA ARG A 21 3.67 -1.50 -23.52
C ARG A 21 3.32 -1.58 -24.99
N THR A 22 2.58 -0.60 -25.46
CA THR A 22 2.28 -0.51 -26.88
C THR A 22 2.11 0.94 -27.36
N LYS A 23 2.64 1.22 -28.55
CA LYS A 23 2.38 2.44 -29.29
C LYS A 23 2.33 2.06 -30.76
N GLY A 24 1.31 2.51 -31.46
CA GLY A 24 1.17 2.22 -32.88
C GLY A 24 1.17 0.73 -33.15
N GLU A 25 2.09 0.27 -33.97
CA GLU A 25 2.19 -1.15 -34.32
C GLU A 25 3.35 -1.81 -33.58
N LEU A 26 3.88 -1.13 -32.57
CA LEU A 26 4.93 -1.68 -31.71
C LEU A 26 4.38 -2.13 -30.37
N VAL A 27 4.88 -3.26 -29.89
CA VAL A 27 4.71 -3.64 -28.50
C VAL A 27 6.11 -3.81 -27.92
N ALA A 28 6.23 -3.56 -26.62
CA ALA A 28 7.46 -3.86 -25.90
C ALA A 28 7.14 -4.40 -24.52
N TYR A 29 8.13 -5.09 -23.95
CA TYR A 29 8.01 -5.69 -22.63
C TYR A 29 9.39 -6.05 -22.10
N VAL A 30 9.44 -6.36 -20.81
CA VAL A 30 10.66 -6.81 -20.18
C VAL A 30 10.63 -8.35 -20.09
N LEU A 31 11.69 -8.96 -20.60
CA LEU A 31 11.92 -10.40 -20.52
C LEU A 31 13.02 -10.59 -19.48
N THR A 32 12.72 -11.33 -18.41
CA THR A 32 13.71 -11.61 -17.36
C THR A 32 14.01 -13.11 -17.33
N LYS A 33 15.29 -13.45 -17.21
CA LYS A 33 15.73 -14.81 -17.45
C LYS A 33 17.07 -15.04 -16.76
N ALA A 34 17.31 -16.28 -16.33
CA ALA A 34 18.57 -16.62 -15.69
C ALA A 34 19.67 -16.71 -16.74
N ASN A 35 20.73 -15.94 -16.56
CA ASN A 35 21.95 -16.14 -17.33
C ASN A 35 22.73 -17.26 -16.68
N LEU A 36 22.67 -18.44 -17.30
CA LEU A 36 23.36 -19.65 -16.83
C LEU A 36 24.89 -19.53 -16.80
N LYS A 37 25.44 -18.57 -17.54
CA LYS A 37 26.89 -18.34 -17.55
C LYS A 37 27.31 -17.49 -16.36
N ASP A 38 26.72 -16.30 -16.24
CA ASP A 38 27.02 -15.37 -15.15
C ASP A 38 26.30 -15.72 -13.84
N ASN A 39 25.39 -16.69 -13.89
CA ASN A 39 24.65 -17.16 -12.70
C ASN A 39 23.88 -16.05 -11.98
N LYS A 40 23.02 -15.38 -12.73
CA LYS A 40 22.14 -14.35 -12.19
C LYS A 40 21.03 -14.05 -13.21
N TYR A 41 19.95 -13.44 -12.73
CA TYR A 41 18.86 -13.04 -13.62
C TYR A 41 19.21 -11.75 -14.34
N GLU A 42 18.79 -11.66 -15.61
CA GLU A 42 19.03 -10.46 -16.41
C GLU A 42 17.75 -9.96 -17.06
N ASN A 43 17.56 -8.64 -17.06
CA ASN A 43 16.40 -8.00 -17.66
C ASN A 43 16.74 -7.49 -19.06
N THR A 44 15.89 -7.82 -20.02
CA THR A 44 16.03 -7.37 -21.40
C THR A 44 14.72 -6.78 -21.84
N ILE A 45 14.76 -5.60 -22.47
CA ILE A 45 13.59 -5.05 -23.14
C ILE A 45 13.50 -5.68 -24.54
N VAL A 46 12.32 -6.20 -24.87
CA VAL A 46 12.04 -6.67 -26.23
C VAL A 46 11.06 -5.69 -26.88
N ILE A 47 11.36 -5.31 -28.11
CA ILE A 47 10.48 -4.47 -28.91
C ILE A 47 10.05 -5.27 -30.15
N GLU A 48 8.75 -5.56 -30.24
CA GLU A 48 8.22 -6.34 -31.36
C GLU A 48 7.31 -5.52 -32.27
N ASN A 49 7.49 -5.68 -33.57
CA ASN A 49 6.64 -5.04 -34.56
C ASN A 49 5.49 -6.00 -34.85
N LEU A 50 4.26 -5.53 -34.65
CA LEU A 50 3.08 -6.38 -34.80
C LEU A 50 2.78 -6.80 -36.25
N LYS A 51 3.26 -6.04 -37.23
CA LYS A 51 3.01 -6.34 -38.64
C LYS A 51 3.78 -7.58 -39.12
N ASN A 52 5.09 -7.60 -38.85
CA ASN A 52 5.96 -8.70 -39.31
C ASN A 52 6.56 -9.57 -38.20
N ASN A 53 6.19 -9.28 -36.94
CA ASN A 53 6.70 -10.01 -35.77
C ASN A 53 8.22 -9.86 -35.53
N ALA A 54 8.84 -8.90 -36.21
CA ALA A 54 10.27 -8.64 -36.06
C ALA A 54 10.55 -8.08 -34.66
N ARG A 55 11.67 -8.50 -34.07
CA ARG A 55 12.03 -8.13 -32.70
C ARG A 55 13.31 -7.31 -32.63
N ARG A 56 13.38 -6.48 -31.60
CA ARG A 56 14.59 -5.74 -31.27
C ARG A 56 14.80 -5.88 -29.77
N PHE A 57 16.05 -5.77 -29.32
CA PHE A 57 16.38 -6.01 -27.92
C PHE A 57 17.23 -4.88 -27.34
N ILE A 58 16.94 -4.51 -26.10
CA ILE A 58 17.82 -3.65 -25.32
C ILE A 58 18.22 -4.40 -24.04
N GLU A 59 19.50 -4.74 -23.94
CA GLU A 59 20.01 -5.52 -22.80
C GLU A 59 20.04 -4.71 -21.51
N ASN A 60 19.92 -5.39 -20.38
CA ASN A 60 20.17 -4.79 -19.08
C ASN A 60 19.28 -3.57 -18.84
N ALA A 61 17.98 -3.75 -19.04
CA ALA A 61 17.05 -2.62 -19.01
C ALA A 61 15.65 -3.05 -18.56
N THR A 62 14.96 -2.13 -17.89
CA THR A 62 13.54 -2.27 -17.54
C THR A 62 12.84 -0.91 -17.80
N MET A 63 11.56 -0.80 -17.45
CA MET A 63 10.77 0.43 -17.66
C MET A 63 10.71 0.89 -19.11
N PRO A 64 10.38 -0.02 -20.04
CA PRO A 64 10.26 0.38 -21.45
C PRO A 64 9.12 1.36 -21.67
N ARG A 65 9.42 2.48 -22.32
CA ARG A 65 8.41 3.49 -22.64
C ARG A 65 8.60 3.88 -24.09
N ILE A 66 7.67 3.46 -24.94
CA ILE A 66 7.76 3.76 -26.36
C ILE A 66 7.17 5.14 -26.55
N SER A 67 7.87 6.01 -27.29
CA SER A 67 7.33 7.33 -27.60
C SER A 67 6.08 7.19 -28.48
N PRO A 68 5.08 8.06 -28.27
CA PRO A 68 3.87 8.00 -29.12
C PRO A 68 4.13 7.80 -30.63
N ASP A 69 5.18 8.43 -31.16
CA ASP A 69 5.47 8.33 -32.60
C ASP A 69 6.28 7.09 -32.99
N GLY A 70 6.56 6.23 -32.01
CA GLY A 70 7.30 5.00 -32.26
C GLY A 70 8.75 5.15 -32.67
N LYS A 71 9.30 6.35 -32.57
CA LYS A 71 10.69 6.62 -33.02
C LYS A 71 11.73 6.50 -31.90
N LYS A 72 11.28 6.54 -30.65
CA LYS A 72 12.19 6.45 -29.50
C LYS A 72 11.68 5.49 -28.45
N ILE A 73 12.59 5.04 -27.60
CA ILE A 73 12.21 4.33 -26.39
C ILE A 73 13.06 4.82 -25.21
N ALA A 74 12.40 5.18 -24.13
CA ALA A 74 13.07 5.50 -22.89
C ALA A 74 13.06 4.26 -22.01
N PHE A 75 14.08 4.11 -21.18
CA PHE A 75 14.14 2.97 -20.28
C PHE A 75 15.04 3.25 -19.11
N MET A 76 15.03 2.33 -18.15
CA MET A 76 15.82 2.47 -16.94
C MET A 76 16.92 1.41 -16.89
N ARG A 77 18.09 1.81 -16.42
CA ARG A 77 19.20 0.88 -16.23
C ARG A 77 19.75 1.03 -14.81
N ALA A 78 19.85 -0.10 -14.10
CA ALA A 78 20.38 -0.13 -12.75
C ALA A 78 21.90 -0.23 -12.80
N ASN A 79 22.57 0.63 -12.04
CA ASN A 79 24.00 0.52 -11.81
C ASN A 79 24.20 -0.08 -10.42
N GLU A 80 24.40 -1.39 -10.37
CA GLU A 80 24.56 -2.13 -9.10
C GLU A 80 25.70 -1.60 -8.23
N GLU A 81 26.78 -1.16 -8.89
CA GLU A 81 28.01 -0.78 -8.20
C GLU A 81 27.95 0.63 -7.62
N LYS A 82 27.14 1.49 -8.25
CA LYS A 82 26.94 2.86 -7.78
C LYS A 82 25.70 3.01 -6.90
N LYS A 83 24.82 2.01 -6.92
CA LYS A 83 23.50 2.10 -6.30
C LYS A 83 22.73 3.31 -6.86
N VAL A 84 22.66 3.41 -8.17
CA VAL A 84 21.87 4.44 -8.83
C VAL A 84 21.08 3.85 -9.98
N SER A 85 19.93 4.45 -10.26
CA SER A 85 19.10 4.07 -11.39
C SER A 85 19.30 5.12 -12.46
N GLU A 86 19.48 4.68 -13.70
CA GLU A 86 19.74 5.60 -14.78
C GLU A 86 18.60 5.59 -15.76
N ILE A 87 18.22 6.77 -16.23
CA ILE A 87 17.28 6.89 -17.33
C ILE A 87 18.07 7.04 -18.63
N TRP A 88 17.67 6.25 -19.62
CA TRP A 88 18.28 6.22 -20.94
C TRP A 88 17.22 6.51 -21.99
N VAL A 89 17.67 6.93 -23.16
CA VAL A 89 16.82 7.05 -24.33
C VAL A 89 17.53 6.42 -25.54
N ALA A 90 16.83 5.53 -26.22
CA ALA A 90 17.32 4.90 -27.45
C ALA A 90 16.54 5.44 -28.63
N ASP A 91 17.27 5.75 -29.69
CA ASP A 91 16.70 6.24 -30.92
C ASP A 91 16.57 5.06 -31.87
N LEU A 92 15.35 4.59 -32.07
CA LEU A 92 15.10 3.39 -32.87
C LEU A 92 15.40 3.60 -34.36
N GLU A 93 15.44 4.86 -34.81
CA GLU A 93 15.77 5.20 -36.21
C GLU A 93 17.28 5.23 -36.42
N THR A 94 17.99 5.97 -35.56
CA THR A 94 19.44 6.11 -35.69
C THR A 94 20.22 4.98 -35.01
N LEU A 95 19.52 4.08 -34.31
CA LEU A 95 20.15 2.97 -33.59
C LEU A 95 21.24 3.44 -32.63
N SER A 96 20.90 4.43 -31.80
CA SER A 96 21.82 4.92 -30.78
C SER A 96 21.07 5.12 -29.47
N SER A 97 21.77 4.89 -28.35
CA SER A 97 21.19 5.13 -27.03
C SER A 97 22.20 5.81 -26.11
N LYS A 98 21.68 6.57 -25.14
CA LYS A 98 22.54 7.23 -24.17
C LYS A 98 21.83 7.40 -22.84
N LYS A 99 22.65 7.48 -21.79
CA LYS A 99 22.18 7.82 -20.45
C LYS A 99 21.83 9.31 -20.46
N ILE A 100 20.65 9.66 -19.96
CA ILE A 100 20.27 11.08 -19.86
C ILE A 100 20.14 11.60 -18.44
N LEU A 101 20.06 10.70 -17.46
CA LEU A 101 19.85 11.09 -16.08
C LEU A 101 20.26 9.99 -15.12
N GLU A 102 20.70 10.42 -13.94
CA GLU A 102 21.04 9.53 -12.84
C GLU A 102 20.23 9.93 -11.61
N ALA A 103 19.68 8.93 -10.93
CA ALA A 103 18.92 9.16 -9.69
C ALA A 103 19.01 7.95 -8.78
N LYS A 104 18.67 8.15 -7.52
CA LYS A 104 18.71 7.08 -6.52
C LYS A 104 17.64 6.05 -6.88
N ASN A 105 16.42 6.53 -7.05
CA ASN A 105 15.28 5.69 -7.37
C ASN A 105 14.36 6.38 -8.37
N ILE A 106 13.70 5.61 -9.22
CA ILE A 106 12.74 6.12 -10.20
C ILE A 106 11.33 5.59 -9.88
N ARG A 107 10.36 6.50 -9.80
CA ARG A 107 8.96 6.15 -9.55
C ARG A 107 8.18 6.00 -10.85
N SER A 108 8.35 6.94 -11.77
CA SER A 108 7.64 6.87 -13.05
C SER A 108 8.43 7.49 -14.18
N LEU A 109 8.04 7.11 -15.40
CA LEU A 109 8.70 7.50 -16.62
C LEU A 109 7.65 7.59 -17.71
N GLU A 110 7.43 8.78 -18.28
CA GLU A 110 6.27 8.98 -19.17
C GLU A 110 6.61 10.00 -20.25
N TRP A 111 6.32 9.64 -21.49
CA TRP A 111 6.47 10.53 -22.61
C TRP A 111 5.31 11.50 -22.67
N ASN A 112 5.64 12.74 -23.04
CA ASN A 112 4.65 13.70 -23.52
C ASN A 112 4.12 13.24 -24.89
N GLU A 113 2.88 13.63 -25.21
CA GLU A 113 2.23 13.34 -26.51
CA GLU A 113 2.29 13.23 -26.48
C GLU A 113 3.09 13.75 -27.70
N ASP A 114 3.97 14.72 -27.49
CA ASP A 114 4.83 15.21 -28.57
C ASP A 114 6.06 14.34 -28.89
N SER A 115 6.23 13.21 -28.19
CA SER A 115 7.37 12.30 -28.41
C SER A 115 8.72 13.01 -28.29
N ARG A 116 8.75 14.11 -27.56
CA ARG A 116 9.98 14.89 -27.39
C ARG A 116 10.26 15.12 -25.92
N LYS A 117 9.26 15.54 -25.15
CA LYS A 117 9.43 15.72 -23.71
C LYS A 117 9.17 14.44 -22.90
N LEU A 118 9.94 14.27 -21.84
CA LEU A 118 9.91 13.09 -21.01
C LEU A 118 9.78 13.51 -19.53
N LEU A 119 8.75 13.01 -18.85
CA LEU A 119 8.54 13.27 -17.43
C LEU A 119 9.13 12.13 -16.61
N ILE A 120 10.10 12.46 -15.76
CA ILE A 120 10.71 11.52 -14.82
C ILE A 120 10.38 11.95 -13.40
N VAL A 121 9.85 11.02 -12.62
CA VAL A 121 9.61 11.25 -11.20
C VAL A 121 10.41 10.23 -10.37
N GLY A 122 11.11 10.72 -9.35
CA GLY A 122 12.00 9.89 -8.58
C GLY A 122 12.65 10.60 -7.42
N PHE A 123 13.74 10.04 -6.95
CA PHE A 123 14.44 10.51 -5.76
C PHE A 123 15.89 10.79 -6.08
N LYS A 124 16.31 12.01 -5.74
CA LYS A 124 17.57 12.55 -6.22
C LYS A 124 18.73 11.81 -5.59
N ARG A 125 19.86 11.82 -6.29
CA ARG A 125 21.07 11.15 -5.82
C ARG A 125 22.06 12.15 -5.22
N ARG A 126 22.77 11.70 -4.18
CA ARG A 126 23.80 12.50 -3.50
C ARG A 126 24.96 12.89 -4.43
N GLU A 127 25.53 14.07 -4.20
CA GLU A 127 26.68 14.57 -4.95
C GLU A 127 26.32 14.84 -6.42
N VAL A 137 -1.98 -1.96 -4.09
CA VAL A 137 -1.98 -1.62 -5.51
C VAL A 137 -0.83 -2.33 -6.23
N PRO A 138 -1.06 -3.59 -6.65
CA PRO A 138 -0.11 -4.29 -7.52
C PRO A 138 0.34 -3.44 -8.74
N ALA A 139 1.62 -3.55 -9.09
CA ALA A 139 2.21 -2.79 -10.19
C ALA A 139 3.62 -3.31 -10.45
N TRP A 140 4.10 -3.17 -11.68
CA TRP A 140 5.45 -3.64 -12.05
C TRP A 140 6.58 -2.74 -11.57
N GLU A 150 14.40 14.47 1.56
CA GLU A 150 13.19 13.71 1.88
C GLU A 150 12.07 14.10 0.91
N LYS A 151 12.43 14.31 -0.35
CA LYS A 151 11.55 14.92 -1.36
C LYS A 151 11.45 14.08 -2.62
N THR A 152 10.32 14.21 -3.32
CA THR A 152 10.17 13.62 -4.64
C THR A 152 10.61 14.67 -5.63
N THR A 153 11.45 14.28 -6.58
CA THR A 153 11.90 15.18 -7.65
C THR A 153 11.22 14.86 -8.98
N PHE A 154 10.78 15.92 -9.64
CA PHE A 154 10.16 15.87 -10.95
C PHE A 154 11.12 16.51 -11.98
N TRP A 155 11.51 15.75 -13.00
CA TRP A 155 12.31 16.27 -14.10
C TRP A 155 11.54 16.22 -15.41
N ILE A 156 11.58 17.32 -16.16
CA ILE A 156 11.15 17.29 -17.56
C ILE A 156 12.41 17.34 -18.40
N PHE A 157 12.63 16.27 -19.17
CA PHE A 157 13.77 16.20 -20.06
C PHE A 157 13.28 16.38 -21.50
N ASP A 158 14.05 17.13 -22.27
CA ASP A 158 13.73 17.46 -23.64
C ASP A 158 14.72 16.73 -24.55
N THR A 159 14.21 15.84 -25.39
CA THR A 159 15.08 15.08 -26.31
C THR A 159 15.63 15.93 -27.46
N GLU A 160 14.97 17.05 -27.76
CA GLU A 160 15.43 17.99 -28.77
C GLU A 160 16.64 18.77 -28.22
N SER A 161 16.40 19.51 -27.15
CA SER A 161 17.45 20.29 -26.47
C SER A 161 18.50 19.40 -25.83
N GLU A 162 18.11 18.17 -25.49
CA GLU A 162 19.03 17.18 -24.94
C GLU A 162 19.46 17.55 -23.52
N GLU A 163 18.53 18.14 -22.76
CA GLU A 163 18.79 18.48 -21.36
C GLU A 163 17.51 18.51 -20.53
N VAL A 164 17.68 18.62 -19.21
CA VAL A 164 16.57 18.85 -18.29
C VAL A 164 16.17 20.31 -18.43
N ILE A 165 14.89 20.57 -18.69
CA ILE A 165 14.39 21.93 -18.91
C ILE A 165 13.55 22.44 -17.75
N GLU A 166 12.97 21.52 -16.99
CA GLU A 166 12.27 21.84 -15.76
CA GLU A 166 12.28 21.85 -15.75
C GLU A 166 12.59 20.79 -14.70
N GLU A 167 12.63 21.23 -13.45
CA GLU A 167 12.93 20.36 -12.32
C GLU A 167 12.29 20.97 -11.07
N PHE A 168 11.53 20.19 -10.32
CA PHE A 168 10.99 20.67 -9.05
C PHE A 168 10.83 19.55 -8.06
N GLU A 169 10.67 19.92 -6.80
CA GLU A 169 10.54 18.97 -5.72
C GLU A 169 9.18 19.10 -5.05
N LYS A 170 8.64 17.97 -4.63
CA LYS A 170 7.46 17.93 -3.79
C LYS A 170 7.76 17.02 -2.60
N PRO A 171 6.88 17.03 -1.59
CA PRO A 171 7.08 16.11 -0.48
C PRO A 171 7.10 14.64 -0.89
N ARG A 172 7.71 13.83 -0.04
CA ARG A 172 7.82 12.39 -0.29
C ARG A 172 6.45 11.77 -0.60
N PHE A 173 6.46 10.78 -1.48
CA PHE A 173 5.26 10.05 -1.92
C PHE A 173 4.34 10.86 -2.84
N SER A 174 4.85 11.94 -3.42
CA SER A 174 4.13 12.68 -4.46
C SER A 174 4.29 11.94 -5.78
N SER A 175 3.42 12.25 -6.73
CA SER A 175 3.43 11.59 -8.03
C SER A 175 2.92 12.58 -9.08
N GLY A 176 3.08 12.26 -10.36
CA GLY A 176 2.70 13.21 -11.42
C GLY A 176 2.44 12.52 -12.73
N ILE A 177 1.57 13.13 -13.55
CA ILE A 177 1.29 12.66 -14.90
C ILE A 177 1.18 13.84 -15.84
N TRP A 178 1.41 13.61 -17.14
CA TRP A 178 1.20 14.65 -18.14
C TRP A 178 -0.30 14.89 -18.31
N HIS A 179 -0.67 16.15 -18.46
CA HIS A 179 -1.99 16.53 -18.95
C HIS A 179 -1.77 17.54 -20.08
N ARG A 180 -1.71 17.02 -21.29
CA ARG A 180 -1.15 17.75 -22.45
C ARG A 180 0.26 18.29 -22.10
N ASP A 181 0.48 19.60 -22.10
CA ASP A 181 1.80 20.13 -21.77
C ASP A 181 1.95 20.51 -20.29
N LYS A 182 0.91 20.27 -19.50
CA LYS A 182 0.96 20.51 -18.08
C LYS A 182 1.21 19.21 -17.32
N ILE A 183 1.58 19.34 -16.05
CA ILE A 183 1.77 18.19 -15.21
C ILE A 183 0.77 18.27 -14.06
N VAL A 184 0.04 17.18 -13.87
CA VAL A 184 -0.90 17.07 -12.75
C VAL A 184 -0.14 16.39 -11.63
N VAL A 185 -0.11 17.03 -10.47
CA VAL A 185 0.74 16.60 -9.37
C VAL A 185 -0.09 16.25 -8.15
N ASN A 186 0.08 15.02 -7.67
CA ASN A 186 -0.56 14.51 -6.47
C ASN A 186 0.41 14.62 -5.29
N VAL A 187 -0.02 15.32 -4.24
CA VAL A 187 0.78 15.49 -3.02
C VAL A 187 -0.04 15.01 -1.83
N PRO A 188 0.55 14.16 -0.96
CA PRO A 188 -0.24 13.70 0.19
C PRO A 188 -0.66 14.87 1.06
N HIS A 189 -1.93 14.89 1.46
CA HIS A 189 -2.41 15.91 2.37
C HIS A 189 -2.11 15.42 3.78
N ARG A 190 -0.92 15.79 4.26
CA ARG A 190 -0.40 15.44 5.58
C ARG A 190 -1.39 15.65 6.73
N GLU A 191 -2.05 16.81 6.68
CA GLU A 191 -2.59 17.55 7.84
C GLU A 191 -2.38 17.06 9.30
N ILE A 192 -2.59 18.00 10.22
CA ILE A 192 -2.20 17.90 11.61
C ILE A 192 -3.39 17.53 12.51
N ILE A 193 -4.34 16.78 11.95
CA ILE A 193 -5.54 16.34 12.67
C ILE A 193 -5.56 14.82 12.95
N PRO A 194 -4.39 14.19 13.18
CA PRO A 194 -4.15 12.77 12.96
C PRO A 194 -5.36 11.86 12.69
N GLN A 195 -5.18 10.96 11.73
CA GLN A 195 -6.28 10.32 11.04
C GLN A 195 -5.81 9.01 10.43
N TYR A 196 -6.75 8.24 9.86
CA TYR A 196 -6.38 7.27 8.83
C TYR A 196 -7.46 6.98 7.81
N PHE A 197 -7.69 7.98 6.97
CA PHE A 197 -7.98 7.78 5.56
C PHE A 197 -6.97 8.68 4.85
N LYS A 198 -6.37 8.19 3.77
CA LYS A 198 -5.35 8.97 3.07
C LYS A 198 -5.99 10.02 2.15
N PHE A 199 -5.52 11.26 2.27
CA PHE A 199 -6.02 12.36 1.47
C PHE A 199 -4.91 12.99 0.64
N TRP A 200 -5.31 13.61 -0.46
CA TRP A 200 -4.40 14.22 -1.40
C TRP A 200 -4.82 15.63 -1.71
N ASP A 201 -3.82 16.47 -2.00
CA ASP A 201 -4.04 17.71 -2.74
C ASP A 201 -3.54 17.45 -4.16
N ILE A 202 -4.25 17.98 -5.15
CA ILE A 202 -3.86 17.79 -6.56
C ILE A 202 -3.72 19.14 -7.24
N TYR A 203 -2.53 19.37 -7.80
CA TYR A 203 -2.19 20.62 -8.47
C TYR A 203 -2.02 20.38 -9.94
N ILE A 204 -2.08 21.44 -10.72
CA ILE A 204 -1.65 21.39 -12.11
C ILE A 204 -0.49 22.40 -12.28
N TRP A 205 0.56 21.95 -12.94
CA TRP A 205 1.85 22.60 -12.92
C TRP A 205 2.31 22.92 -14.34
N GLU A 206 2.82 24.12 -14.55
CA GLU A 206 3.45 24.47 -15.82
C GLU A 206 4.40 25.65 -15.65
N ASP A 207 5.59 25.52 -16.24
CA ASP A 207 6.56 26.63 -16.29
C ASP A 207 6.84 27.25 -14.93
N GLY A 208 7.01 26.40 -13.92
CA GLY A 208 7.40 26.83 -12.58
C GLY A 208 6.26 27.31 -11.70
N LYS A 209 5.04 27.35 -12.23
CA LYS A 209 3.89 27.83 -11.49
C LYS A 209 2.85 26.71 -11.42
N GLU A 210 2.02 26.75 -10.39
CA GLU A 210 1.03 25.71 -10.17
C GLU A 210 -0.24 26.29 -9.61
N GLU A 211 -1.30 25.51 -9.74
CA GLU A 211 -2.63 25.89 -9.35
C GLU A 211 -3.23 24.67 -8.67
N LYS A 212 -3.94 24.87 -7.57
CA LYS A 212 -4.59 23.74 -6.91
C LYS A 212 -5.89 23.43 -7.64
N MET A 213 -6.08 22.15 -7.96
CA MET A 213 -7.34 21.68 -8.57
C MET A 213 -8.24 21.05 -7.52
N PHE A 214 -7.64 20.29 -6.60
CA PHE A 214 -8.40 19.57 -5.58
C PHE A 214 -7.72 19.68 -4.23
N GLU A 215 -8.52 19.93 -3.19
CA GLU A 215 -8.05 20.08 -1.83
C GLU A 215 -8.55 18.93 -0.95
N LYS A 216 -7.62 18.23 -0.29
CA LYS A 216 -7.97 17.15 0.63
C LYS A 216 -9.06 16.22 0.07
N VAL A 217 -8.70 15.49 -0.98
CA VAL A 217 -9.58 14.55 -1.62
C VAL A 217 -8.99 13.16 -1.42
N SER A 218 -9.84 12.14 -1.39
CA SER A 218 -9.39 10.77 -1.18
C SER A 218 -9.09 10.03 -2.49
N PHE A 219 -8.64 10.76 -3.50
CA PHE A 219 -8.22 10.13 -4.74
C PHE A 219 -7.05 10.89 -5.32
N TYR A 220 -6.43 10.31 -6.34
CA TYR A 220 -5.31 10.95 -6.99
C TYR A 220 -5.32 10.59 -8.48
N ALA A 221 -4.70 11.44 -9.28
CA ALA A 221 -4.73 11.33 -10.72
C ALA A 221 -3.78 10.22 -11.18
N VAL A 222 -4.29 9.31 -12.00
CA VAL A 222 -3.49 8.20 -12.51
C VAL A 222 -3.23 8.23 -14.01
N ASP A 223 -4.03 8.98 -14.78
CA ASP A 223 -3.86 9.05 -16.23
C ASP A 223 -4.67 10.20 -16.81
N SER A 224 -4.34 10.58 -18.03
CA SER A 224 -5.10 11.60 -18.76
C SER A 224 -5.06 11.26 -20.24
N ASP A 225 -6.16 11.56 -20.96
CA ASP A 225 -6.16 11.45 -22.42
C ASP A 225 -6.02 12.83 -23.13
N GLY A 226 -5.62 13.85 -22.38
CA GLY A 226 -5.50 15.20 -22.90
C GLY A 226 -6.69 16.09 -22.61
N GLU A 227 -7.82 15.46 -22.28
CA GLU A 227 -9.07 16.15 -22.01
C GLU A 227 -9.62 15.73 -20.65
N ARG A 228 -9.81 14.42 -20.48
CA ARG A 228 -10.33 13.84 -19.25
CA ARG A 228 -10.34 13.87 -19.25
C ARG A 228 -9.20 13.35 -18.37
N ILE A 229 -9.34 13.55 -17.07
CA ILE A 229 -8.37 13.08 -16.10
C ILE A 229 -8.99 11.91 -15.35
N LEU A 230 -8.24 10.82 -15.26
CA LEU A 230 -8.70 9.62 -14.57
C LEU A 230 -8.12 9.63 -13.15
N LEU A 231 -9.01 9.49 -12.17
CA LEU A 231 -8.66 9.54 -10.76
C LEU A 231 -8.93 8.18 -10.11
N TYR A 232 -8.06 7.82 -9.17
CA TYR A 232 -8.11 6.53 -8.49
C TYR A 232 -8.16 6.77 -6.98
N GLY A 233 -9.09 6.13 -6.28
CA GLY A 233 -9.17 6.27 -4.82
C GLY A 233 -10.52 5.95 -4.25
N LYS A 234 -10.82 6.54 -3.09
CA LYS A 234 -12.04 6.18 -2.38
C LYS A 234 -13.03 7.35 -2.32
N PRO A 235 -14.34 7.02 -2.36
CA PRO A 235 -15.42 8.01 -2.41
C PRO A 235 -15.30 9.16 -1.41
N GLU A 236 -15.65 10.36 -1.87
CA GLU A 236 -15.90 11.50 -1.00
C GLU A 236 -17.03 11.13 -0.05
N LYS A 237 -16.99 11.68 1.17
CA LYS A 237 -17.96 11.43 2.24
C LYS A 237 -17.59 10.17 3.01
N LYS A 238 -18.31 9.93 4.10
CA LYS A 238 -18.03 8.83 5.03
C LYS A 238 -17.80 7.50 4.32
N TYR A 239 -18.70 7.16 3.40
CA TYR A 239 -18.61 5.92 2.64
C TYR A 239 -17.40 5.94 1.71
N MET A 240 -16.60 4.88 1.75
CA MET A 240 -15.29 4.83 1.09
C MET A 240 -14.73 3.42 0.87
N SER A 241 -15.15 2.49 1.70
CA SER A 241 -14.19 1.71 2.49
C SER A 241 -13.24 0.67 1.86
N GLU A 242 -13.70 -0.50 1.43
CA GLU A 242 -12.75 -1.58 1.09
C GLU A 242 -11.87 -1.30 -0.12
N HIS A 243 -12.52 -0.98 -1.24
CA HIS A 243 -11.86 -0.94 -2.54
C HIS A 243 -11.63 0.47 -3.06
N ASN A 244 -10.55 0.66 -3.80
CA ASN A 244 -10.39 1.86 -4.59
C ASN A 244 -11.35 1.81 -5.77
N LYS A 245 -11.67 3.00 -6.27
CA LYS A 245 -12.64 3.21 -7.32
C LYS A 245 -12.01 4.08 -8.41
N LEU A 246 -12.73 4.21 -9.52
CA LEU A 246 -12.28 5.04 -10.63
C LEU A 246 -13.23 6.21 -10.83
N TYR A 247 -12.65 7.37 -11.08
CA TYR A 247 -13.42 8.59 -11.29
C TYR A 247 -12.83 9.34 -12.47
N ILE A 248 -13.71 10.07 -13.16
CA ILE A 248 -13.30 10.90 -14.29
C ILE A 248 -13.62 12.35 -13.99
N TYR A 249 -12.61 13.21 -14.13
CA TYR A 249 -12.79 14.66 -14.09
C TYR A 249 -12.78 15.25 -15.51
N ASP A 250 -13.88 15.92 -15.86
CA ASP A 250 -14.11 16.45 -17.21
C ASP A 250 -14.08 18.00 -17.30
N GLY A 251 -13.68 18.66 -16.22
CA GLY A 251 -13.74 20.12 -16.14
C GLY A 251 -15.00 20.63 -15.43
N LYS A 252 -15.92 19.71 -15.11
CA LYS A 252 -17.18 20.10 -14.48
C LYS A 252 -17.40 19.43 -13.12
N GLU A 253 -17.43 18.11 -13.09
CA GLU A 253 -17.63 17.37 -11.84
C GLU A 253 -16.75 16.13 -11.86
N VAL A 254 -16.43 15.63 -10.67
CA VAL A 254 -15.79 14.33 -10.53
C VAL A 254 -16.89 13.28 -10.50
N MET A 255 -16.86 12.35 -11.47
CA MET A 255 -17.89 11.34 -11.61
CA MET A 255 -17.89 11.33 -11.63
C MET A 255 -17.31 9.94 -11.48
N GLY A 256 -17.92 9.13 -10.60
CA GLY A 256 -17.54 7.72 -10.46
C GLY A 256 -18.08 6.89 -11.63
N ILE A 257 -17.33 5.85 -12.00
CA ILE A 257 -17.74 4.92 -13.04
C ILE A 257 -17.87 3.48 -12.55
N LEU A 258 -17.46 3.20 -11.32
CA LEU A 258 -17.64 1.86 -10.72
C LEU A 258 -18.28 1.92 -9.33
N ASP A 259 -19.07 2.95 -9.04
CA ASP A 259 -19.63 3.07 -7.68
C ASP A 259 -20.58 1.92 -7.32
N GLU A 260 -21.24 1.34 -8.32
CA GLU A 260 -22.22 0.28 -8.07
C GLU A 260 -21.61 -1.14 -8.21
N VAL A 261 -20.29 -1.21 -8.41
CA VAL A 261 -19.59 -2.49 -8.56
C VAL A 261 -18.68 -2.72 -7.36
N ASP A 262 -18.96 -3.77 -6.58
CA ASP A 262 -18.21 -4.00 -5.33
C ASP A 262 -17.06 -4.93 -5.58
N ARG A 263 -16.04 -4.44 -6.28
CA ARG A 263 -14.87 -5.22 -6.63
C ARG A 263 -13.68 -4.32 -6.56
N GLY A 264 -12.52 -4.88 -6.25
CA GLY A 264 -11.27 -4.13 -6.30
C GLY A 264 -10.81 -3.85 -7.71
N VAL A 265 -10.23 -2.67 -7.91
CA VAL A 265 -9.68 -2.25 -9.20
C VAL A 265 -8.15 -2.36 -9.13
N GLY A 266 -7.53 -2.87 -10.18
CA GLY A 266 -6.08 -2.88 -10.29
C GLY A 266 -5.60 -1.65 -11.05
N GLN A 267 -5.04 -1.86 -12.23
CA GLN A 267 -4.53 -0.78 -13.05
C GLN A 267 -5.66 -0.23 -13.94
N ALA A 268 -5.58 1.05 -14.30
CA ALA A 268 -6.59 1.71 -15.12
C ALA A 268 -5.92 2.76 -16.01
N LYS A 269 -6.39 2.90 -17.24
CA LYS A 269 -5.86 3.86 -18.19
C LYS A 269 -7.02 4.46 -18.98
N ILE A 270 -6.86 5.68 -19.47
CA ILE A 270 -7.90 6.34 -20.25
C ILE A 270 -7.34 6.68 -21.61
N LYS A 271 -8.10 6.35 -22.65
CA LYS A 271 -7.71 6.65 -24.01
C LYS A 271 -8.93 6.99 -24.84
N ASP A 272 -8.90 8.16 -25.48
CA ASP A 272 -10.04 8.63 -26.27
C ASP A 272 -11.34 8.56 -25.46
N GLY A 273 -11.26 8.96 -24.20
CA GLY A 273 -12.43 9.02 -23.32
C GLY A 273 -12.95 7.68 -22.83
N LYS A 274 -12.29 6.58 -23.21
CA LYS A 274 -12.67 5.26 -22.76
C LYS A 274 -11.68 4.82 -21.71
N VAL A 275 -12.18 4.12 -20.69
CA VAL A 275 -11.36 3.73 -19.57
C VAL A 275 -11.17 2.23 -19.61
N TYR A 276 -9.91 1.82 -19.55
CA TYR A 276 -9.51 0.45 -19.59
C TYR A 276 -8.99 0.12 -18.20
N PHE A 277 -9.47 -0.98 -17.63
CA PHE A 277 -9.16 -1.28 -16.25
C PHE A 277 -9.32 -2.75 -15.91
N THR A 278 -8.61 -3.14 -14.86
CA THR A 278 -8.69 -4.50 -14.35
CA THR A 278 -8.64 -4.49 -14.32
C THR A 278 -9.49 -4.54 -13.06
N LEU A 279 -10.26 -5.61 -12.90
CA LEU A 279 -11.04 -5.88 -11.69
C LEU A 279 -10.60 -7.19 -11.09
N PHE A 280 -10.56 -7.25 -9.75
CA PHE A 280 -10.32 -8.46 -8.99
C PHE A 280 -11.69 -9.09 -8.66
N GLU A 281 -11.95 -10.27 -9.24
CA GLU A 281 -13.25 -10.93 -9.17
C GLU A 281 -13.06 -12.43 -8.93
N GLU A 282 -13.39 -12.90 -7.74
CA GLU A 282 -13.52 -14.34 -7.48
C GLU A 282 -12.28 -15.17 -7.86
N GLY A 283 -11.11 -14.67 -7.50
CA GLY A 283 -9.87 -15.39 -7.75
C GLY A 283 -9.22 -15.05 -9.07
N SER A 284 -9.93 -14.30 -9.91
CA SER A 284 -9.40 -13.88 -11.21
C SER A 284 -9.17 -12.37 -11.23
N VAL A 285 -8.37 -11.93 -12.20
CA VAL A 285 -8.14 -10.53 -12.46
C VAL A 285 -8.44 -10.32 -13.94
N ASN A 286 -9.52 -9.62 -14.24
CA ASN A 286 -10.06 -9.49 -15.57
C ASN A 286 -9.91 -8.07 -16.11
N LEU A 287 -9.77 -7.93 -17.43
CA LEU A 287 -9.60 -6.64 -18.09
C LEU A 287 -10.91 -6.23 -18.74
N TYR A 288 -11.33 -4.99 -18.49
CA TYR A 288 -12.57 -4.44 -19.04
C TYR A 288 -12.35 -3.11 -19.73
N ILE A 289 -13.36 -2.68 -20.48
CA ILE A 289 -13.39 -1.34 -21.03
C ILE A 289 -14.70 -0.71 -20.61
N TRP A 290 -14.61 0.57 -20.25
CA TRP A 290 -15.79 1.38 -19.96
C TRP A 290 -15.92 2.48 -21.00
N ASP A 291 -17.12 2.63 -21.53
CA ASP A 291 -17.42 3.66 -22.52
C ASP A 291 -18.82 4.26 -22.30
N GLY A 292 -19.30 4.18 -21.07
CA GLY A 292 -20.70 4.44 -20.74
C GLY A 292 -21.35 3.18 -20.23
N GLU A 293 -20.80 2.04 -20.66
CA GLU A 293 -21.10 0.72 -20.08
C GLU A 293 -19.82 -0.10 -20.02
N ILE A 294 -19.82 -1.11 -19.15
CA ILE A 294 -18.64 -1.99 -18.98
C ILE A 294 -18.78 -3.20 -19.90
N LYS A 295 -17.72 -3.45 -20.68
CA LYS A 295 -17.67 -4.64 -21.53
C LYS A 295 -16.33 -5.33 -21.31
N PRO A 296 -16.32 -6.67 -21.33
CA PRO A 296 -15.10 -7.44 -21.14
C PRO A 296 -14.14 -7.35 -22.32
N ILE A 297 -12.84 -7.29 -22.03
CA ILE A 297 -11.80 -7.48 -23.03
C ILE A 297 -11.20 -8.88 -22.90
N ALA A 298 -10.75 -9.20 -21.69
CA ALA A 298 -10.15 -10.50 -21.40
C ALA A 298 -10.68 -10.95 -20.05
N LYS A 299 -11.77 -11.74 -20.09
CA LYS A 299 -12.43 -12.22 -18.89
C LYS A 299 -12.39 -13.74 -18.88
N GLY A 300 -11.95 -14.32 -17.76
CA GLY A 300 -11.89 -15.78 -17.61
C GLY A 300 -11.21 -16.20 -16.33
N ARG A 301 -10.87 -17.48 -16.21
CA ARG A 301 -10.14 -17.97 -15.03
C ARG A 301 -8.64 -17.75 -15.26
N HIS A 302 -8.23 -16.51 -15.02
CA HIS A 302 -6.84 -16.09 -15.28
C HIS A 302 -6.58 -14.83 -14.48
N TRP A 303 -5.34 -14.36 -14.52
CA TRP A 303 -5.08 -13.01 -14.03
C TRP A 303 -4.29 -12.17 -15.02
N ILE A 304 -4.84 -11.00 -15.31
CA ILE A 304 -4.18 -10.00 -16.14
C ILE A 304 -3.16 -9.26 -15.27
N MET A 305 -1.89 -9.33 -15.67
CA MET A 305 -0.81 -8.74 -14.89
C MET A 305 -0.18 -7.58 -15.66
N GLY A 306 -0.92 -6.49 -15.74
CA GLY A 306 -0.49 -5.32 -16.48
C GLY A 306 -0.98 -5.32 -17.93
N PHE A 307 -1.26 -4.13 -18.44
CA PHE A 307 -1.71 -3.97 -19.80
C PHE A 307 -1.37 -2.57 -20.27
N ASP A 308 -1.56 -2.34 -21.57
CA ASP A 308 -1.43 -1.02 -22.13
C ASP A 308 -2.34 -0.93 -23.33
N VAL A 309 -2.63 0.29 -23.76
CA VAL A 309 -3.52 0.51 -24.90
C VAL A 309 -3.09 1.74 -25.72
N ASP A 310 -3.05 1.58 -27.04
CA ASP A 310 -2.92 2.71 -27.95
C ASP A 310 -3.84 2.44 -29.13
N GLU A 311 -3.32 1.95 -30.26
CA GLU A 311 -4.18 1.54 -31.37
C GLU A 311 -4.77 0.17 -31.10
N ILE A 312 -4.03 -0.61 -30.33
CA ILE A 312 -4.35 -1.97 -29.97
C ILE A 312 -4.26 -2.12 -28.45
N VAL A 313 -4.91 -3.12 -27.87
CA VAL A 313 -4.72 -3.42 -26.45
C VAL A 313 -3.70 -4.54 -26.31
N VAL A 314 -2.79 -4.40 -25.34
CA VAL A 314 -1.78 -5.41 -25.05
CA VAL A 314 -1.79 -5.41 -25.06
C VAL A 314 -1.79 -5.72 -23.57
N TYR A 315 -1.60 -6.98 -23.22
CA TYR A 315 -1.58 -7.35 -21.82
C TYR A 315 -0.80 -8.63 -21.59
N LEU A 316 -0.32 -8.75 -20.35
CA LEU A 316 0.19 -10.02 -19.85
C LEU A 316 -0.94 -10.80 -19.18
N LYS A 317 -1.07 -12.08 -19.54
CA LYS A 317 -2.08 -12.96 -18.95
C LYS A 317 -1.44 -14.24 -18.38
N GLU A 318 -1.70 -14.49 -17.10
CA GLU A 318 -1.22 -15.67 -16.40
C GLU A 318 -2.40 -16.57 -16.02
N THR A 319 -2.14 -17.88 -15.99
CA THR A 319 -3.13 -18.87 -15.56
C THR A 319 -2.52 -19.83 -14.52
N ALA A 320 -3.35 -20.72 -14.00
CA ALA A 320 -2.88 -21.76 -13.07
C ALA A 320 -1.77 -22.63 -13.68
N THR A 321 -1.84 -22.88 -14.99
CA THR A 321 -0.90 -23.81 -15.63
C THR A 321 0.15 -23.14 -16.52
N ARG A 322 0.02 -21.83 -16.74
CA ARG A 322 0.91 -21.12 -17.62
C ARG A 322 1.37 -19.80 -17.01
N LEU A 323 2.68 -19.62 -16.91
CA LEU A 323 3.23 -18.31 -16.58
C LEU A 323 2.74 -17.28 -17.59
N ARG A 324 2.70 -16.04 -17.16
CA ARG A 324 2.27 -14.94 -18.02
C ARG A 324 3.00 -14.92 -19.36
N GLU A 325 2.23 -14.69 -20.42
CA GLU A 325 2.73 -14.43 -21.78
C GLU A 325 2.03 -13.17 -22.30
N LEU A 326 2.52 -12.63 -23.40
CA LEU A 326 1.96 -11.42 -24.00
C LEU A 326 0.85 -11.76 -24.98
N PHE A 327 -0.22 -10.96 -24.91
CA PHE A 327 -1.38 -11.11 -25.78
C PHE A 327 -1.77 -9.73 -26.28
N THR A 328 -2.37 -9.67 -27.47
CA THR A 328 -3.00 -8.45 -27.95
C THR A 328 -4.50 -8.64 -28.09
N TRP A 329 -5.21 -7.53 -28.19
CA TRP A 329 -6.65 -7.59 -28.36
C TRP A 329 -7.11 -6.40 -29.22
N ASP A 330 -7.76 -6.71 -30.34
CA ASP A 330 -8.31 -5.71 -31.25
C ASP A 330 -9.79 -5.95 -31.53
N GLY A 331 -10.48 -6.57 -30.56
CA GLY A 331 -11.79 -7.17 -30.78
C GLY A 331 -11.66 -8.68 -30.67
N GLU A 332 -10.45 -9.16 -30.90
CA GLU A 332 -10.10 -10.57 -30.87
C GLU A 332 -8.76 -10.74 -30.13
N GLU A 333 -8.61 -11.82 -29.38
CA GLU A 333 -7.35 -12.11 -28.70
C GLU A 333 -6.40 -12.83 -29.65
N LYS A 334 -5.12 -12.46 -29.57
CA LYS A 334 -4.04 -13.19 -30.25
C LYS A 334 -2.87 -13.31 -29.28
N GLN A 335 -2.27 -14.50 -29.21
CA GLN A 335 -1.10 -14.72 -28.38
C GLN A 335 0.15 -14.32 -29.16
N LEU A 336 0.98 -13.47 -28.56
CA LEU A 336 2.20 -12.99 -29.22
C LEU A 336 3.49 -13.69 -28.78
N THR A 337 3.54 -14.15 -27.53
CA THR A 337 4.74 -14.83 -27.02
C THR A 337 4.40 -16.24 -26.54
N ASP A 338 5.39 -17.12 -26.58
CA ASP A 338 5.25 -18.48 -26.05
C ASP A 338 6.58 -18.97 -25.48
N TYR A 339 7.27 -18.08 -24.79
CA TYR A 339 8.63 -18.33 -24.31
C TYR A 339 8.71 -19.63 -23.52
N ASN A 340 7.76 -19.83 -22.62
CA ASN A 340 7.81 -20.95 -21.70
C ASN A 340 7.21 -22.26 -22.20
N ASP A 341 6.45 -22.19 -23.30
CA ASP A 341 5.93 -23.41 -23.94
C ASP A 341 6.08 -23.30 -25.46
N PRO A 342 7.32 -23.21 -25.94
CA PRO A 342 7.60 -22.80 -27.31
C PRO A 342 7.23 -23.84 -28.37
N ILE A 343 7.11 -25.10 -27.95
CA ILE A 343 6.68 -26.18 -28.84
C ILE A 343 5.16 -26.33 -28.75
N PHE A 344 4.67 -26.43 -27.51
CA PHE A 344 3.26 -26.71 -27.24
C PHE A 344 2.32 -25.59 -27.71
N ALA A 345 2.73 -24.33 -27.55
CA ALA A 345 1.84 -23.19 -27.71
C ALA A 345 1.50 -22.80 -29.14
N LYS A 346 2.51 -22.49 -29.94
CA LYS A 346 2.28 -21.96 -31.29
C LYS A 346 2.29 -23.11 -32.30
N LEU A 347 1.08 -23.52 -32.70
CA LEU A 347 0.90 -24.62 -33.64
C LEU A 347 0.55 -24.09 -35.03
N LYS B 13 -15.37 23.00 16.96
CA LYS B 13 -15.37 21.62 16.40
C LYS B 13 -15.73 20.58 17.47
N PHE B 14 -15.78 19.32 17.06
CA PHE B 14 -16.23 18.21 17.92
C PHE B 14 -15.04 17.52 18.59
N ALA B 15 -15.33 16.45 19.34
CA ALA B 15 -14.29 15.61 19.95
C ALA B 15 -14.04 14.39 19.08
N TYR B 16 -12.81 14.22 18.62
CA TYR B 16 -12.46 13.14 17.69
C TYR B 16 -11.63 12.06 18.38
N LEU B 17 -12.26 10.90 18.59
CA LEU B 17 -11.66 9.81 19.36
C LEU B 17 -10.89 8.83 18.47
N SER B 18 -9.68 8.47 18.91
CA SER B 18 -8.84 7.48 18.25
C SER B 18 -8.36 6.41 19.22
N ASP B 19 -7.94 5.27 18.66
CA ASP B 19 -7.07 4.31 19.35
C ASP B 19 -7.62 3.80 20.69
N PRO B 20 -8.78 3.10 20.64
CA PRO B 20 -9.37 2.53 21.85
C PRO B 20 -8.55 1.35 22.38
N ARG B 21 -8.33 1.33 23.69
CA ARG B 21 -7.51 0.30 24.32
C ARG B 21 -8.16 -0.14 25.62
N THR B 22 -7.95 -1.40 26.00
CA THR B 22 -8.48 -1.89 27.26
C THR B 22 -7.62 -2.98 27.91
N LYS B 23 -7.50 -2.90 29.23
CA LYS B 23 -6.95 -3.99 30.05
C LYS B 23 -7.67 -3.98 31.39
N GLY B 24 -8.11 -5.16 31.84
CA GLY B 24 -8.87 -5.28 33.07
C GLY B 24 -10.19 -4.52 32.99
N GLU B 25 -10.42 -3.65 33.97
CA GLU B 25 -11.59 -2.75 33.92
C GLU B 25 -11.16 -1.30 33.66
N LEU B 26 -10.00 -1.14 33.01
CA LEU B 26 -9.56 0.15 32.47
C LEU B 26 -9.79 0.19 30.98
N VAL B 27 -10.16 1.36 30.47
CA VAL B 27 -10.21 1.62 29.05
C VAL B 27 -9.47 2.92 28.81
N ALA B 28 -8.80 3.03 27.68
CA ALA B 28 -8.12 4.27 27.30
C ALA B 28 -8.36 4.61 25.83
N TYR B 29 -8.22 5.90 25.50
CA TYR B 29 -8.39 6.38 24.13
C TYR B 29 -7.77 7.76 23.94
N VAL B 30 -7.48 8.11 22.69
CA VAL B 30 -6.96 9.44 22.35
C VAL B 30 -8.12 10.37 22.02
N LEU B 31 -8.09 11.57 22.59
CA LEU B 31 -9.11 12.60 22.35
C LEU B 31 -8.45 13.75 21.62
N THR B 32 -8.93 14.02 20.40
CA THR B 32 -8.40 15.11 19.58
C THR B 32 -9.40 16.26 19.47
N LYS B 33 -9.03 17.41 20.01
CA LYS B 33 -9.84 18.64 19.92
C LYS B 33 -8.92 19.86 19.78
N ALA B 34 -9.43 20.92 19.16
CA ALA B 34 -8.73 22.21 19.09
C ALA B 34 -9.14 23.11 20.26
N ASP B 38 -5.50 29.42 20.99
CA ASP B 38 -5.56 27.96 20.87
C ASP B 38 -4.48 27.44 19.92
N ASN B 39 -4.36 28.06 18.75
CA ASN B 39 -3.30 27.75 17.77
C ASN B 39 -3.51 26.45 17.00
N LYS B 40 -3.17 25.33 17.61
CA LYS B 40 -3.09 24.05 16.90
C LYS B 40 -3.96 22.96 17.52
N TYR B 41 -4.18 21.88 16.76
CA TYR B 41 -4.95 20.73 17.24
C TYR B 41 -4.19 19.98 18.33
N GLU B 42 -4.94 19.39 19.25
CA GLU B 42 -4.40 18.91 20.51
C GLU B 42 -4.82 17.47 20.81
N ASN B 43 -3.85 16.62 21.08
CA ASN B 43 -4.11 15.22 21.44
C ASN B 43 -4.01 15.05 22.95
N THR B 44 -4.90 14.26 23.52
CA THR B 44 -4.86 13.93 24.96
C THR B 44 -5.34 12.49 25.19
N ILE B 45 -4.55 11.72 25.92
CA ILE B 45 -4.98 10.39 26.35
C ILE B 45 -5.92 10.52 27.55
N VAL B 46 -7.08 9.87 27.45
CA VAL B 46 -8.02 9.78 28.57
C VAL B 46 -8.03 8.32 29.04
N ILE B 47 -7.95 8.14 30.37
CA ILE B 47 -7.93 6.81 30.96
C ILE B 47 -9.12 6.67 31.90
N GLU B 48 -9.98 5.69 31.64
CA GLU B 48 -11.24 5.55 32.38
C GLU B 48 -11.39 4.17 33.02
N ASN B 49 -11.80 4.15 34.29
CA ASN B 49 -12.09 2.92 35.02
C ASN B 49 -13.55 2.54 34.84
N LEU B 50 -13.80 1.26 34.54
CA LEU B 50 -15.14 0.78 34.16
C LEU B 50 -16.00 0.34 35.35
N LYS B 51 -15.69 0.86 36.55
CA LYS B 51 -16.55 0.69 37.72
C LYS B 51 -16.41 1.92 38.61
N ASN B 52 -16.44 3.08 37.96
CA ASN B 52 -16.02 4.35 38.57
C ASN B 52 -16.23 5.51 37.60
N ASN B 53 -15.76 5.33 36.37
CA ASN B 53 -15.98 6.28 35.26
C ASN B 53 -15.24 7.62 35.41
N ALA B 54 -14.36 7.72 36.39
CA ALA B 54 -13.49 8.89 36.54
C ALA B 54 -12.38 8.79 35.50
N ARG B 55 -11.84 9.94 35.11
CA ARG B 55 -10.94 10.02 33.97
C ARG B 55 -9.60 10.66 34.32
N ARG B 56 -8.55 10.18 33.69
CA ARG B 56 -7.19 10.70 33.87
C ARG B 56 -6.78 11.42 32.59
N PHE B 57 -5.68 12.16 32.66
CA PHE B 57 -5.24 12.98 31.52
C PHE B 57 -3.71 13.01 31.36
N ILE B 58 -3.26 12.59 30.18
CA ILE B 58 -1.89 12.78 29.74
C ILE B 58 -1.93 13.74 28.55
N GLU B 59 -1.39 14.94 28.74
CA GLU B 59 -1.47 16.00 27.72
C GLU B 59 -0.43 15.79 26.63
N ASN B 60 -0.83 16.09 25.40
CA ASN B 60 0.06 15.98 24.22
C ASN B 60 0.52 14.55 23.97
N ALA B 61 -0.31 13.59 24.37
CA ALA B 61 0.06 12.17 24.28
C ALA B 61 -0.79 11.45 23.25
N THR B 62 -0.17 10.44 22.62
CA THR B 62 -0.82 9.57 21.64
C THR B 62 -0.26 8.16 21.84
N MET B 63 -0.85 7.18 21.15
CA MET B 63 -0.43 5.75 21.22
C MET B 63 -0.51 5.12 22.61
N PRO B 64 -1.67 5.23 23.28
CA PRO B 64 -1.86 4.62 24.59
C PRO B 64 -1.74 3.10 24.58
N ARG B 65 -0.83 2.57 25.40
CA ARG B 65 -0.68 1.13 25.54
C ARG B 65 -0.53 0.86 27.03
N ILE B 66 -1.46 0.10 27.60
CA ILE B 66 -1.37 -0.24 29.01
C ILE B 66 -0.94 -1.70 29.17
N SER B 67 -0.16 -1.97 30.21
CA SER B 67 0.34 -3.30 30.49
C SER B 67 -0.80 -4.25 30.87
N PRO B 68 -0.71 -5.53 30.48
CA PRO B 68 -1.68 -6.55 30.86
C PRO B 68 -2.08 -6.50 32.34
N ASP B 69 -1.09 -6.38 33.23
CA ASP B 69 -1.36 -6.36 34.68
C ASP B 69 -1.98 -5.05 35.18
N GLY B 70 -2.02 -4.02 34.32
CA GLY B 70 -2.68 -2.75 34.65
C GLY B 70 -1.87 -1.79 35.49
N LYS B 71 -0.58 -2.07 35.70
CA LYS B 71 0.27 -1.23 36.54
C LYS B 71 0.90 -0.03 35.81
N LYS B 72 1.02 -0.14 34.48
CA LYS B 72 1.72 0.88 33.68
C LYS B 72 1.03 1.21 32.35
N ILE B 73 1.33 2.39 31.82
CA ILE B 73 0.90 2.80 30.49
C ILE B 73 2.06 3.46 29.73
N ALA B 74 2.30 2.98 28.51
CA ALA B 74 3.27 3.61 27.60
C ALA B 74 2.54 4.50 26.62
N PHE B 75 3.23 5.52 26.11
CA PHE B 75 2.64 6.41 25.12
C PHE B 75 3.67 7.20 24.30
N MET B 76 3.19 7.79 23.21
CA MET B 76 4.02 8.65 22.37
C MET B 76 3.64 10.12 22.58
N ARG B 77 4.64 10.97 22.65
CA ARG B 77 4.45 12.41 22.66
C ARG B 77 5.19 13.02 21.48
N ALA B 78 4.47 13.77 20.66
CA ALA B 78 5.07 14.52 19.56
C ALA B 78 5.84 15.69 20.16
N ASN B 79 6.98 16.01 19.55
CA ASN B 79 7.85 17.06 20.07
C ASN B 79 8.32 18.03 18.99
N GLU B 80 7.98 19.30 19.15
CA GLU B 80 8.34 20.33 18.18
C GLU B 80 9.71 20.93 18.52
N GLU B 81 10.32 21.59 17.54
CA GLU B 81 11.70 22.15 17.62
C GLU B 81 12.75 21.08 17.32
N LYS B 82 12.82 20.04 18.17
CA LYS B 82 13.67 18.89 17.87
C LYS B 82 13.04 17.94 16.85
N LYS B 83 11.74 18.11 16.59
CA LYS B 83 11.01 17.32 15.59
C LYS B 83 11.22 15.82 15.83
N VAL B 84 10.96 15.41 17.07
CA VAL B 84 11.23 14.06 17.53
C VAL B 84 9.94 13.41 18.06
N SER B 85 9.83 12.09 17.89
CA SER B 85 8.76 11.32 18.51
C SER B 85 9.29 10.65 19.77
N GLU B 86 8.66 10.93 20.90
CA GLU B 86 9.13 10.47 22.20
C GLU B 86 8.30 9.31 22.72
N ILE B 87 8.95 8.29 23.26
CA ILE B 87 8.24 7.23 23.95
C ILE B 87 8.43 7.37 25.47
N TRP B 88 7.31 7.37 26.18
CA TRP B 88 7.29 7.52 27.63
C TRP B 88 6.64 6.28 28.24
N VAL B 89 6.88 6.08 29.53
CA VAL B 89 6.21 5.05 30.31
C VAL B 89 5.91 5.66 31.68
N ALA B 90 4.73 5.35 32.22
CA ALA B 90 4.29 5.90 33.48
C ALA B 90 3.56 4.85 34.33
N ASP B 91 3.72 5.00 35.65
CA ASP B 91 3.00 4.18 36.62
C ASP B 91 1.60 4.75 36.74
N LEU B 92 0.58 3.91 36.60
CA LEU B 92 -0.81 4.41 36.66
C LEU B 92 -1.17 4.97 38.04
N GLU B 93 -0.60 4.37 39.09
CA GLU B 93 -0.83 4.83 40.46
C GLU B 93 -0.11 6.16 40.72
N THR B 94 1.20 6.11 40.93
CA THR B 94 1.98 7.32 41.28
C THR B 94 2.07 8.31 40.10
N LEU B 95 2.04 7.77 38.88
CA LEU B 95 2.06 8.59 37.65
C LEU B 95 3.33 9.44 37.54
N SER B 96 4.46 8.86 37.92
CA SER B 96 5.76 9.41 37.57
C SER B 96 6.07 8.94 36.15
N SER B 97 5.80 9.80 35.18
CA SER B 97 6.12 9.50 33.79
C SER B 97 7.59 9.77 33.56
N LYS B 98 8.18 9.10 32.57
CA LYS B 98 9.54 9.40 32.15
C LYS B 98 9.76 9.06 30.68
N LYS B 99 10.51 9.90 29.98
CA LYS B 99 10.85 9.63 28.58
C LYS B 99 11.90 8.52 28.52
N ILE B 100 11.59 7.47 27.77
CA ILE B 100 12.46 6.30 27.67
C ILE B 100 13.17 6.15 26.32
N LEU B 101 12.69 6.83 25.28
CA LEU B 101 13.24 6.66 23.93
C LEU B 101 12.88 7.80 22.99
N GLU B 102 13.76 8.07 22.04
CA GLU B 102 13.53 9.05 20.97
C GLU B 102 13.73 8.43 19.60
N ALA B 103 12.88 8.84 18.66
CA ALA B 103 12.95 8.35 17.29
C ALA B 103 12.35 9.36 16.32
N LYS B 104 12.73 9.24 15.04
CA LYS B 104 12.19 10.09 13.99
C LYS B 104 10.70 9.78 13.80
N ASN B 105 10.36 8.50 13.86
CA ASN B 105 8.96 8.05 13.78
C ASN B 105 8.78 6.71 14.49
N ILE B 106 7.58 6.48 15.02
CA ILE B 106 7.25 5.23 15.72
C ILE B 106 6.13 4.54 14.96
N ARG B 107 6.32 3.28 14.57
CA ARG B 107 5.29 2.58 13.84
C ARG B 107 4.43 1.69 14.73
N SER B 108 5.01 1.14 15.79
CA SER B 108 4.23 0.35 16.73
C SER B 108 4.83 0.35 18.14
N LEU B 109 3.97 0.08 19.12
CA LEU B 109 4.33 0.08 20.54
C LEU B 109 3.48 -0.99 21.24
N GLU B 110 4.12 -2.01 21.82
CA GLU B 110 3.39 -3.18 22.34
C GLU B 110 4.04 -3.76 23.59
N TRP B 111 3.23 -3.98 24.63
CA TRP B 111 3.71 -4.63 25.86
C TRP B 111 3.85 -6.12 25.67
N ASN B 112 4.91 -6.69 26.22
CA ASN B 112 5.02 -8.13 26.40
C ASN B 112 3.94 -8.61 27.38
N GLU B 113 3.59 -9.88 27.32
CA GLU B 113 2.65 -10.48 28.27
C GLU B 113 3.07 -10.29 29.73
N ASP B 114 4.38 -10.24 29.97
CA ASP B 114 4.93 -10.12 31.33
C ASP B 114 4.78 -8.73 31.96
N SER B 115 4.19 -7.78 31.23
CA SER B 115 3.97 -6.42 31.73
C SER B 115 5.29 -5.75 32.14
N ARG B 116 6.38 -6.19 31.51
CA ARG B 116 7.74 -5.81 31.89
C ARG B 116 8.49 -5.31 30.66
N LYS B 117 8.51 -6.13 29.61
CA LYS B 117 9.15 -5.76 28.34
C LYS B 117 8.18 -5.04 27.40
N LEU B 118 8.70 -3.99 26.76
CA LEU B 118 7.98 -3.23 25.74
C LEU B 118 8.69 -3.39 24.41
N LEU B 119 7.94 -3.63 23.34
CA LEU B 119 8.51 -3.66 21.99
C LEU B 119 8.17 -2.34 21.31
N ILE B 120 9.21 -1.63 20.86
CA ILE B 120 9.05 -0.40 20.09
C ILE B 120 9.60 -0.62 18.69
N VAL B 121 8.83 -0.28 17.67
CA VAL B 121 9.33 -0.34 16.30
C VAL B 121 9.23 1.03 15.64
N GLY B 122 10.32 1.45 14.99
CA GLY B 122 10.39 2.80 14.46
C GLY B 122 11.66 3.06 13.70
N PHE B 123 11.97 4.33 13.51
CA PHE B 123 13.08 4.75 12.66
C PHE B 123 13.82 5.90 13.33
N LYS B 124 15.14 5.75 13.44
CA LYS B 124 15.98 6.70 14.19
C LYS B 124 15.98 8.11 13.59
N ASP B 148 19.18 -2.21 0.82
CA ASP B 148 19.36 -0.96 0.11
C ASP B 148 18.58 0.17 0.79
N GLY B 149 19.29 1.03 1.51
CA GLY B 149 18.72 2.22 2.13
C GLY B 149 18.38 2.07 3.60
N GLU B 150 17.16 2.47 3.95
CA GLU B 150 16.78 2.72 5.33
C GLU B 150 16.44 1.45 6.12
N LYS B 151 16.53 1.55 7.44
CA LYS B 151 16.31 0.42 8.33
C LYS B 151 15.13 0.71 9.24
N THR B 152 14.42 -0.34 9.61
CA THR B 152 13.44 -0.30 10.68
C THR B 152 14.16 -0.77 11.93
N THR B 153 14.08 0.01 13.00
CA THR B 153 14.69 -0.37 14.27
C THR B 153 13.64 -0.98 15.20
N PHE B 154 14.03 -2.08 15.84
CA PHE B 154 13.23 -2.73 16.87
C PHE B 154 13.95 -2.56 18.21
N TRP B 155 13.34 -1.86 19.15
CA TRP B 155 13.87 -1.75 20.51
C TRP B 155 13.09 -2.63 21.48
N ILE B 156 13.80 -3.25 22.42
CA ILE B 156 13.16 -3.94 23.53
C ILE B 156 13.54 -3.23 24.84
N PHE B 157 12.55 -2.56 25.43
CA PHE B 157 12.73 -1.86 26.70
C PHE B 157 12.36 -2.79 27.85
N ASP B 158 13.14 -2.76 28.93
CA ASP B 158 12.88 -3.56 30.12
C ASP B 158 12.52 -2.65 31.29
N THR B 159 11.42 -2.99 31.96
CA THR B 159 10.90 -2.21 33.09
C THR B 159 11.73 -2.37 34.38
N GLU B 160 12.29 -3.56 34.60
CA GLU B 160 13.08 -3.81 35.82
C GLU B 160 14.42 -3.10 35.71
N SER B 161 15.15 -3.38 34.64
CA SER B 161 16.37 -2.62 34.31
C SER B 161 16.02 -1.15 34.13
N GLU B 162 14.82 -0.90 33.61
CA GLU B 162 14.30 0.45 33.39
C GLU B 162 15.03 1.10 32.20
N GLU B 163 15.40 0.27 31.23
CA GLU B 163 16.20 0.71 30.09
C GLU B 163 15.98 -0.19 28.86
N VAL B 164 16.41 0.30 27.70
CA VAL B 164 16.48 -0.54 26.49
C VAL B 164 17.59 -1.58 26.68
N ILE B 165 17.27 -2.85 26.46
CA ILE B 165 18.20 -3.95 26.69
C ILE B 165 18.61 -4.73 25.45
N GLU B 166 17.84 -4.58 24.37
CA GLU B 166 18.17 -5.16 23.07
C GLU B 166 17.72 -4.24 21.95
N GLU B 167 18.39 -4.34 20.82
CA GLU B 167 18.09 -3.51 19.66
C GLU B 167 18.54 -4.26 18.41
N PHE B 168 17.69 -4.28 17.38
CA PHE B 168 18.11 -4.83 16.10
C PHE B 168 17.46 -4.11 14.94
N GLU B 169 18.01 -4.31 13.76
CA GLU B 169 17.63 -3.57 12.58
C GLU B 169 17.20 -4.52 11.47
N LYS B 170 16.16 -4.11 10.73
CA LYS B 170 15.66 -4.87 9.61
C LYS B 170 15.43 -3.91 8.44
N PRO B 171 15.22 -4.45 7.23
CA PRO B 171 14.96 -3.56 6.10
C PRO B 171 13.73 -2.69 6.33
N ARG B 172 13.60 -1.88 5.75
CA ARG B 172 12.49 -0.93 5.62
C ARG B 172 11.17 -1.66 5.38
N PHE B 173 9.96 -1.00 5.98
CA PHE B 173 8.63 -1.60 5.88
C PHE B 173 8.51 -2.88 6.70
N SER B 174 9.50 -3.15 7.53
CA SER B 174 9.45 -4.30 8.41
C SER B 174 8.54 -3.96 9.58
N SER B 175 7.96 -4.98 10.19
CA SER B 175 7.14 -4.79 11.37
C SER B 175 7.30 -6.01 12.25
N GLY B 176 6.82 -5.93 13.47
CA GLY B 176 6.96 -7.06 14.39
C GLY B 176 5.93 -7.07 15.49
N ILE B 177 5.76 -8.23 16.11
CA ILE B 177 4.85 -8.43 17.24
C ILE B 177 5.47 -9.43 18.23
N TRP B 178 5.12 -9.27 19.51
CA TRP B 178 5.51 -10.22 20.54
C TRP B 178 4.83 -11.58 20.28
N HIS B 179 5.60 -12.65 20.44
CA HIS B 179 5.08 -14.02 20.52
C HIS B 179 5.71 -14.67 21.74
N ARG B 180 5.04 -14.58 22.88
CA ARG B 180 5.64 -14.84 24.18
C ARG B 180 6.90 -13.96 24.34
N ASP B 181 8.09 -14.56 24.47
CA ASP B 181 9.32 -13.78 24.59
C ASP B 181 10.08 -13.74 23.27
N LYS B 182 9.47 -14.26 22.22
CA LYS B 182 10.04 -14.15 20.87
C LYS B 182 9.38 -12.99 20.15
N ILE B 183 9.99 -12.59 19.04
CA ILE B 183 9.42 -11.56 18.17
C ILE B 183 9.19 -12.14 16.78
N VAL B 184 7.96 -12.01 16.28
CA VAL B 184 7.64 -12.38 14.92
C VAL B 184 7.84 -11.15 14.04
N VAL B 185 8.70 -11.27 13.05
CA VAL B 185 9.11 -10.14 12.25
C VAL B 185 8.70 -10.33 10.80
N ASN B 186 7.96 -9.36 10.28
CA ASN B 186 7.55 -9.33 8.88
C ASN B 186 8.53 -8.45 8.12
N VAL B 187 9.15 -8.98 7.06
CA VAL B 187 10.02 -8.16 6.20
C VAL B 187 9.61 -8.33 4.73
N PRO B 188 9.56 -7.20 3.98
CA PRO B 188 9.21 -7.33 2.55
C PRO B 188 10.10 -8.34 1.84
N HIS B 189 9.52 -9.12 0.94
CA HIS B 189 10.28 -10.08 0.17
C HIS B 189 11.06 -9.36 -0.93
N ARG B 190 12.37 -9.55 -0.92
CA ARG B 190 13.28 -8.96 -1.89
C ARG B 190 13.42 -9.95 -3.04
N GLU B 191 13.32 -9.47 -4.27
CA GLU B 191 13.50 -10.32 -5.45
C GLU B 191 14.27 -9.60 -6.55
N ILE B 192 15.05 -10.36 -7.33
CA ILE B 192 15.72 -9.82 -8.50
C ILE B 192 14.78 -9.87 -9.72
N ILE B 193 13.91 -10.87 -9.76
CA ILE B 193 12.87 -10.95 -10.80
C ILE B 193 11.82 -9.87 -10.51
N PRO B 194 11.48 -9.04 -11.52
CA PRO B 194 10.44 -8.04 -11.27
C PRO B 194 9.13 -8.68 -10.81
N GLN B 195 8.44 -8.00 -9.91
CA GLN B 195 7.23 -8.54 -9.31
C GLN B 195 6.07 -7.57 -9.49
N TYR B 196 4.87 -8.12 -9.62
CA TYR B 196 3.64 -7.36 -9.77
C TYR B 196 2.92 -7.20 -8.44
N PHE B 197 2.97 -8.24 -7.62
CA PHE B 197 2.33 -8.28 -6.31
C PHE B 197 3.38 -8.11 -5.21
N LYS B 198 2.94 -7.67 -4.03
CA LYS B 198 3.87 -7.46 -2.90
C LYS B 198 3.85 -8.68 -1.96
N PHE B 199 5.03 -9.19 -1.66
CA PHE B 199 5.17 -10.41 -0.86
C PHE B 199 5.97 -10.16 0.40
N TRP B 200 5.90 -11.10 1.32
CA TRP B 200 6.51 -10.96 2.64
C TRP B 200 7.31 -12.20 3.01
N ASP B 201 8.44 -11.98 3.70
CA ASP B 201 9.09 -13.05 4.45
C ASP B 201 8.76 -12.82 5.91
N ILE B 202 8.59 -13.92 6.64
CA ILE B 202 8.25 -13.85 8.06
C ILE B 202 9.24 -14.69 8.85
N TYR B 203 9.83 -14.08 9.88
CA TYR B 203 10.79 -14.74 10.74
C TYR B 203 10.25 -14.81 12.15
N ILE B 204 10.78 -15.75 12.93
CA ILE B 204 10.61 -15.71 14.37
C ILE B 204 11.98 -15.48 15.00
N TRP B 205 12.04 -14.53 15.92
CA TRP B 205 13.31 -13.98 16.38
C TRP B 205 13.44 -14.11 17.89
N GLU B 206 14.62 -14.51 18.34
CA GLU B 206 14.89 -14.58 19.78
C GLU B 206 16.37 -14.40 20.11
N ASP B 207 16.68 -13.38 20.90
CA ASP B 207 18.04 -13.18 21.41
C ASP B 207 19.05 -13.22 20.27
N GLY B 208 18.83 -12.36 19.29
CA GLY B 208 19.79 -12.14 18.20
C GLY B 208 19.76 -13.18 17.11
N LYS B 209 18.97 -14.23 17.28
CA LYS B 209 18.91 -15.31 16.31
C LYS B 209 17.48 -15.48 15.80
N GLU B 210 17.36 -16.00 14.58
CA GLU B 210 16.07 -16.12 13.95
C GLU B 210 15.98 -17.30 13.00
N GLU B 211 14.74 -17.71 12.73
CA GLU B 211 14.43 -18.77 11.79
C GLU B 211 13.31 -18.30 10.86
N LYS B 212 13.44 -18.57 9.58
CA LYS B 212 12.42 -18.17 8.61
C LYS B 212 11.20 -19.09 8.73
N MET B 213 10.05 -18.48 9.02
CA MET B 213 8.78 -19.20 9.05
C MET B 213 8.22 -19.35 7.65
N PHE B 214 8.09 -18.23 6.94
CA PHE B 214 7.53 -18.20 5.60
C PHE B 214 8.41 -17.38 4.67
N GLU B 215 8.49 -17.83 3.42
CA GLU B 215 9.28 -17.20 2.36
C GLU B 215 8.35 -16.82 1.23
N LYS B 216 8.34 -15.54 0.86
CA LYS B 216 7.52 -15.04 -0.24
C LYS B 216 6.04 -15.46 -0.10
N VAL B 217 5.40 -14.97 0.96
CA VAL B 217 3.97 -15.20 1.16
C VAL B 217 3.21 -13.88 1.04
N SER B 218 1.89 -13.98 0.97
CA SER B 218 1.03 -12.84 0.73
C SER B 218 0.21 -12.48 1.96
N PHE B 219 0.69 -12.91 3.12
CA PHE B 219 0.16 -12.42 4.38
C PHE B 219 1.31 -12.05 5.30
N TYR B 220 0.95 -11.40 6.41
CA TYR B 220 1.92 -11.00 7.42
C TYR B 220 1.27 -11.07 8.79
N ALA B 221 2.10 -11.20 9.81
CA ALA B 221 1.63 -11.40 11.18
C ALA B 221 1.15 -10.09 11.79
N VAL B 222 -0.06 -10.12 12.37
CA VAL B 222 -0.65 -8.92 12.98
C VAL B 222 -0.88 -9.01 14.49
N ASP B 223 -0.97 -10.23 15.01
CA ASP B 223 -1.17 -10.43 16.43
C ASP B 223 -0.78 -11.84 16.83
N SER B 224 -0.71 -12.07 18.13
CA SER B 224 -0.47 -13.39 18.70
C SER B 224 -1.06 -13.44 20.09
N ASP B 225 -1.57 -14.60 20.49
CA ASP B 225 -1.97 -14.81 21.88
C ASP B 225 -0.91 -15.62 22.64
N GLY B 226 0.31 -15.63 22.12
CA GLY B 226 1.40 -16.38 22.74
C GLY B 226 1.50 -17.81 22.23
N GLU B 227 0.45 -18.30 21.57
CA GLU B 227 0.46 -19.65 21.00
C GLU B 227 0.14 -19.64 19.52
N ARG B 228 -0.98 -19.03 19.15
CA ARG B 228 -1.39 -18.92 17.75
C ARG B 228 -1.01 -17.55 17.24
N ILE B 229 -0.38 -17.52 16.07
CA ILE B 229 -0.05 -16.28 15.39
C ILE B 229 -1.20 -15.98 14.42
N LEU B 230 -1.64 -14.73 14.39
CA LEU B 230 -2.72 -14.29 13.50
C LEU B 230 -2.12 -13.61 12.26
N LEU B 231 -2.48 -14.10 11.09
CA LEU B 231 -1.93 -13.64 9.83
C LEU B 231 -3.01 -12.94 9.02
N TYR B 232 -2.64 -11.80 8.45
CA TYR B 232 -3.56 -10.98 7.69
C TYR B 232 -3.11 -10.92 6.25
N GLY B 233 -4.01 -11.24 5.33
CA GLY B 233 -3.72 -11.09 3.90
C GLY B 233 -4.36 -12.15 3.03
N LYS B 234 -3.57 -12.66 2.10
CA LYS B 234 -4.06 -13.62 1.11
C LYS B 234 -3.30 -14.94 1.20
N PRO B 235 -3.95 -16.03 0.77
CA PRO B 235 -3.33 -17.34 0.94
C PRO B 235 -2.19 -17.53 -0.06
N GLU B 236 -1.32 -18.49 0.23
CA GLU B 236 -0.14 -18.73 -0.60
C GLU B 236 -0.61 -19.29 -1.93
N LYS B 237 -0.12 -18.70 -3.01
CA LYS B 237 -0.50 -19.04 -4.40
C LYS B 237 -1.84 -18.45 -4.87
N LYS B 238 -2.66 -17.95 -3.95
CA LYS B 238 -3.83 -17.15 -4.32
C LYS B 238 -3.59 -15.68 -3.98
N TYR B 239 -2.37 -15.23 -4.24
CA TYR B 239 -1.97 -13.83 -4.11
C TYR B 239 -2.79 -12.86 -4.99
N MET B 240 -3.45 -13.39 -6.02
CA MET B 240 -4.30 -12.59 -6.90
C MET B 240 -5.75 -12.50 -6.41
N SER B 241 -6.01 -12.99 -5.21
CA SER B 241 -7.37 -12.99 -4.66
C SER B 241 -7.88 -11.61 -4.29
N GLU B 242 -9.18 -11.49 -4.18
CA GLU B 242 -9.87 -10.22 -4.06
C GLU B 242 -9.73 -9.60 -2.66
N HIS B 243 -9.87 -10.42 -1.62
CA HIS B 243 -9.99 -9.90 -0.27
C HIS B 243 -8.83 -10.25 0.65
N ASN B 244 -8.49 -9.31 1.54
CA ASN B 244 -7.66 -9.64 2.70
C ASN B 244 -8.50 -10.40 3.73
N LYS B 245 -7.97 -11.53 4.18
CA LYS B 245 -8.65 -12.40 5.15
C LYS B 245 -7.67 -12.81 6.25
N LEU B 246 -8.08 -13.77 7.09
CA LEU B 246 -7.32 -14.11 8.30
C LEU B 246 -6.96 -15.58 8.37
N TYR B 247 -5.79 -15.85 8.95
CA TYR B 247 -5.25 -17.19 9.04
C TYR B 247 -4.56 -17.34 10.38
N ILE B 248 -4.66 -18.52 10.96
CA ILE B 248 -4.02 -18.81 12.23
C ILE B 248 -2.94 -19.86 11.99
N TYR B 249 -1.77 -19.64 12.60
CA TYR B 249 -0.62 -20.52 12.48
C TYR B 249 -0.02 -20.82 13.86
N ASP B 250 0.20 -22.10 14.16
CA ASP B 250 0.76 -22.54 15.44
C ASP B 250 2.02 -23.42 15.33
N GLY B 251 2.58 -23.52 14.13
CA GLY B 251 3.73 -24.40 13.88
C GLY B 251 3.34 -25.65 13.10
N LYS B 252 2.04 -25.94 13.05
CA LYS B 252 1.56 -27.06 12.27
C LYS B 252 1.14 -26.52 10.90
N GLU B 253 -0.14 -26.21 10.70
CA GLU B 253 -0.63 -25.71 9.41
C GLU B 253 -1.25 -24.33 9.51
N VAL B 254 -1.38 -23.69 8.35
CA VAL B 254 -2.00 -22.37 8.25
C VAL B 254 -3.49 -22.61 8.00
N MET B 255 -4.33 -22.10 8.89
CA MET B 255 -5.77 -22.35 8.83
C MET B 255 -6.54 -21.05 8.64
N GLY B 256 -7.26 -20.97 7.53
CA GLY B 256 -8.16 -19.85 7.27
C GLY B 256 -9.38 -19.93 8.15
N ILE B 257 -9.85 -18.77 8.62
CA ILE B 257 -11.10 -18.70 9.39
C ILE B 257 -12.23 -18.00 8.63
N LEU B 258 -11.95 -17.46 7.43
CA LEU B 258 -12.95 -16.76 6.61
C LEU B 258 -12.98 -17.26 5.16
N ASP B 259 -12.45 -18.46 4.92
CA ASP B 259 -12.28 -18.99 3.56
C ASP B 259 -13.55 -18.95 2.70
N GLU B 260 -14.72 -19.13 3.33
CA GLU B 260 -15.97 -19.17 2.59
C GLU B 260 -16.84 -17.91 2.73
N VAL B 261 -16.31 -16.90 3.43
CA VAL B 261 -16.95 -15.58 3.49
C VAL B 261 -16.23 -14.71 2.47
N ASP B 262 -16.99 -14.21 1.49
CA ASP B 262 -16.45 -13.38 0.42
C ASP B 262 -16.40 -11.90 0.82
N ARG B 263 -15.66 -11.62 1.90
CA ARG B 263 -15.53 -10.28 2.44
C ARG B 263 -14.08 -10.01 2.82
N GLY B 264 -13.76 -8.73 2.99
CA GLY B 264 -12.42 -8.27 3.32
C GLY B 264 -12.37 -7.74 4.74
N VAL B 265 -11.24 -7.98 5.41
CA VAL B 265 -11.05 -7.67 6.83
C VAL B 265 -10.44 -6.28 6.99
N GLY B 266 -10.96 -5.51 7.96
CA GLY B 266 -10.37 -4.23 8.33
C GLY B 266 -9.25 -4.44 9.34
N GLN B 267 -9.62 -4.74 10.57
CA GLN B 267 -8.66 -4.91 11.67
C GLN B 267 -8.99 -6.21 12.40
N ALA B 268 -7.96 -6.85 12.94
CA ALA B 268 -8.14 -8.12 13.62
C ALA B 268 -7.21 -8.23 14.81
N LYS B 269 -7.69 -8.91 15.83
CA LYS B 269 -6.90 -9.25 17.01
C LYS B 269 -7.19 -10.69 17.40
N ILE B 270 -6.26 -11.32 18.10
CA ILE B 270 -6.46 -12.66 18.65
C ILE B 270 -6.23 -12.63 20.16
N LYS B 271 -7.10 -13.34 20.87
CA LYS B 271 -7.09 -13.36 22.32
C LYS B 271 -7.57 -14.73 22.78
N ASP B 272 -6.71 -15.48 23.46
CA ASP B 272 -7.06 -16.80 23.98
C ASP B 272 -7.66 -17.72 22.90
N GLY B 273 -7.07 -17.71 21.71
CA GLY B 273 -7.50 -18.58 20.63
C GLY B 273 -8.70 -18.08 19.84
N LYS B 274 -9.37 -17.05 20.33
CA LYS B 274 -10.50 -16.45 19.63
C LYS B 274 -10.04 -15.21 18.89
N VAL B 275 -10.56 -14.99 17.69
CA VAL B 275 -10.15 -13.84 16.89
C VAL B 275 -11.29 -12.87 16.65
N TYR B 276 -11.00 -11.60 16.89
CA TYR B 276 -11.95 -10.51 16.87
C TYR B 276 -11.58 -9.66 15.67
N PHE B 277 -12.56 -9.42 14.79
CA PHE B 277 -12.23 -8.81 13.52
C PHE B 277 -13.38 -8.05 12.89
N THR B 278 -13.00 -7.06 12.10
CA THR B 278 -13.93 -6.14 11.49
C THR B 278 -14.03 -6.50 9.99
N LEU B 279 -15.22 -6.43 9.39
CA LEU B 279 -15.39 -6.72 7.96
C LEU B 279 -16.01 -5.54 7.20
N PHE B 280 -15.57 -5.29 5.96
CA PHE B 280 -16.21 -4.31 5.08
C PHE B 280 -17.40 -4.99 4.42
N GLU B 281 -18.59 -4.50 4.72
CA GLU B 281 -19.85 -5.09 4.24
C GLU B 281 -20.78 -3.99 3.80
N GLU B 282 -20.77 -3.74 2.48
CA GLU B 282 -21.76 -2.92 1.80
C GLU B 282 -22.14 -1.64 2.54
N GLY B 283 -21.19 -0.71 2.60
CA GLY B 283 -21.40 0.56 3.28
C GLY B 283 -21.09 0.56 4.77
N SER B 284 -21.04 -0.63 5.37
CA SER B 284 -20.80 -0.77 6.80
C SER B 284 -19.47 -1.48 7.11
N VAL B 285 -18.97 -1.27 8.32
CA VAL B 285 -17.84 -2.04 8.85
C VAL B 285 -18.24 -2.65 10.19
N ASN B 286 -18.41 -3.96 10.19
CA ASN B 286 -18.99 -4.68 11.32
C ASN B 286 -17.96 -5.53 12.04
N LEU B 287 -18.12 -5.65 13.36
CA LEU B 287 -17.19 -6.39 14.20
C LEU B 287 -17.75 -7.76 14.53
N TYR B 288 -16.91 -8.78 14.35
CA TYR B 288 -17.28 -10.17 14.57
C TYR B 288 -16.33 -10.86 15.56
N ILE B 289 -16.76 -11.98 16.11
CA ILE B 289 -15.89 -12.89 16.84
C ILE B 289 -15.86 -14.25 16.13
N TRP B 290 -14.69 -14.89 16.08
CA TRP B 290 -14.56 -16.29 15.67
C TRP B 290 -14.09 -17.14 16.84
N ASP B 291 -14.84 -18.20 17.14
CA ASP B 291 -14.42 -19.20 18.12
C ASP B 291 -14.60 -20.62 17.55
N GLY B 292 -14.56 -20.73 16.23
CA GLY B 292 -14.93 -21.94 15.51
C GLY B 292 -16.13 -21.62 14.65
N GLU B 293 -16.91 -20.63 15.12
CA GLU B 293 -18.08 -20.12 14.42
C GLU B 293 -17.95 -18.60 14.39
N ILE B 294 -18.36 -17.98 13.28
CA ILE B 294 -18.37 -16.52 13.18
C ILE B 294 -19.70 -15.99 13.73
N LYS B 295 -19.61 -15.15 14.76
CA LYS B 295 -20.78 -14.51 15.36
C LYS B 295 -20.54 -13.01 15.42
N PRO B 296 -21.60 -12.21 15.31
CA PRO B 296 -21.42 -10.76 15.30
C PRO B 296 -21.33 -10.16 16.70
N ILE B 297 -20.41 -9.23 16.89
CA ILE B 297 -20.35 -8.43 18.11
C ILE B 297 -21.15 -7.15 17.91
N ALA B 298 -20.81 -6.40 16.86
CA ALA B 298 -21.49 -5.15 16.51
C ALA B 298 -21.75 -5.12 15.01
N LYS B 299 -22.95 -5.56 14.62
CA LYS B 299 -23.37 -5.59 13.24
C LYS B 299 -24.54 -4.65 13.03
N GLY B 300 -24.49 -3.85 11.97
CA GLY B 300 -25.55 -2.90 11.66
C GLY B 300 -25.10 -1.81 10.71
N ARG B 301 -25.95 -0.81 10.53
CA ARG B 301 -25.62 0.34 9.69
C ARG B 301 -24.71 1.27 10.45
N HIS B 302 -23.42 0.92 10.50
CA HIS B 302 -22.42 1.70 11.20
C HIS B 302 -21.04 1.33 10.66
N TRP B 303 -20.00 2.04 11.11
CA TRP B 303 -18.66 1.52 10.95
C TRP B 303 -17.82 1.57 12.23
N ILE B 304 -17.32 0.39 12.60
CA ILE B 304 -16.46 0.22 13.76
C ILE B 304 -15.05 0.65 13.38
N MET B 305 -14.54 1.69 14.05
CA MET B 305 -13.25 2.32 13.72
C MET B 305 -12.28 2.22 14.88
N GLY B 306 -11.79 1.01 15.12
CA GLY B 306 -10.87 0.76 16.23
C GLY B 306 -11.55 -0.07 17.30
N PHE B 307 -10.88 -1.14 17.72
CA PHE B 307 -11.34 -1.92 18.85
C PHE B 307 -10.17 -2.53 19.59
N ASP B 308 -10.43 -2.93 20.83
CA ASP B 308 -9.47 -3.66 21.62
C ASP B 308 -10.25 -4.61 22.51
N VAL B 309 -9.59 -5.65 23.01
CA VAL B 309 -10.26 -6.65 23.83
C VAL B 309 -9.33 -7.21 24.89
N ASP B 310 -9.73 -7.10 26.16
CA ASP B 310 -9.08 -7.84 27.23
C ASP B 310 -10.13 -8.65 27.98
N GLU B 311 -10.64 -8.15 29.11
CA GLU B 311 -11.72 -8.82 29.83
CA GLU B 311 -11.72 -8.82 29.82
C GLU B 311 -13.05 -8.49 29.15
N ILE B 312 -13.14 -7.28 28.61
CA ILE B 312 -14.33 -6.82 27.90
C ILE B 312 -13.93 -6.23 26.55
N VAL B 313 -14.77 -6.43 25.54
CA VAL B 313 -14.50 -5.89 24.20
C VAL B 313 -14.89 -4.42 24.18
N VAL B 314 -14.00 -3.57 23.66
CA VAL B 314 -14.24 -2.13 23.55
C VAL B 314 -14.03 -1.70 22.10
N TYR B 315 -14.79 -0.69 21.67
CA TYR B 315 -14.67 -0.19 20.30
C TYR B 315 -15.22 1.21 20.08
N LEU B 316 -14.83 1.80 18.95
CA LEU B 316 -15.38 3.08 18.50
C LEU B 316 -16.32 2.79 17.36
N LYS B 317 -17.59 3.17 17.51
CA LYS B 317 -18.58 3.03 16.44
C LYS B 317 -19.05 4.41 16.00
N GLU B 318 -19.00 4.64 14.69
CA GLU B 318 -19.50 5.86 14.05
C GLU B 318 -20.75 5.52 13.26
N THR B 319 -21.65 6.50 13.14
CA THR B 319 -22.85 6.39 12.29
C THR B 319 -22.94 7.60 11.37
N ALA B 320 -23.87 7.55 10.42
CA ALA B 320 -24.05 8.62 9.43
C ALA B 320 -24.30 10.00 10.04
N THR B 321 -25.01 10.02 11.17
CA THR B 321 -25.38 11.28 11.83
C THR B 321 -24.50 11.62 13.04
N ARG B 322 -23.90 10.61 13.67
CA ARG B 322 -23.14 10.82 14.91
C ARG B 322 -21.68 10.39 14.75
N LEU B 323 -20.76 11.27 15.15
CA LEU B 323 -19.34 10.92 15.17
C LEU B 323 -19.08 9.75 16.12
N ARG B 324 -17.96 9.08 15.92
CA ARG B 324 -17.62 7.88 16.70
C ARG B 324 -17.54 8.10 18.21
N GLU B 325 -18.32 7.32 18.95
CA GLU B 325 -18.28 7.28 20.41
C GLU B 325 -17.69 5.96 20.87
N LEU B 326 -17.21 5.92 22.11
CA LEU B 326 -16.65 4.72 22.71
C LEU B 326 -17.74 3.85 23.33
N PHE B 327 -17.79 2.58 22.92
CA PHE B 327 -18.72 1.61 23.46
C PHE B 327 -17.97 0.47 24.12
N THR B 328 -18.68 -0.31 24.93
CA THR B 328 -18.15 -1.56 25.49
C THR B 328 -19.08 -2.70 25.11
N TRP B 329 -18.61 -3.93 25.27
CA TRP B 329 -19.42 -5.09 24.93
C TRP B 329 -19.00 -6.30 25.76
N ASP B 330 -19.92 -6.73 26.63
CA ASP B 330 -19.71 -7.88 27.53
C ASP B 330 -20.71 -8.98 27.20
N GLY B 331 -21.15 -9.01 25.94
CA GLY B 331 -22.33 -9.76 25.54
C GLY B 331 -23.43 -8.80 25.10
N GLU B 332 -23.46 -7.63 25.73
CA GLU B 332 -24.41 -6.57 25.38
C GLU B 332 -23.70 -5.23 25.25
N GLU B 333 -24.13 -4.43 24.27
CA GLU B 333 -23.49 -3.15 23.97
C GLU B 333 -23.88 -2.08 24.99
N LYS B 334 -22.90 -1.27 25.39
CA LYS B 334 -23.12 -0.14 26.29
C LYS B 334 -22.24 1.03 25.86
N GLN B 335 -22.83 2.23 25.80
CA GLN B 335 -22.11 3.43 25.37
C GLN B 335 -21.38 4.05 26.57
N LEU B 336 -20.08 4.30 26.40
CA LEU B 336 -19.23 4.83 27.46
C LEU B 336 -18.92 6.32 27.30
N THR B 337 -18.92 6.82 26.07
CA THR B 337 -18.66 8.23 25.81
C THR B 337 -19.83 8.89 25.10
N ASP B 338 -20.02 10.17 25.38
CA ASP B 338 -21.05 10.97 24.73
C ASP B 338 -20.57 12.42 24.63
N TYR B 339 -19.40 12.60 24.06
CA TYR B 339 -18.82 13.95 23.88
C TYR B 339 -19.62 14.76 22.87
N ASN B 340 -20.04 14.11 21.79
CA ASN B 340 -20.78 14.77 20.72
C ASN B 340 -22.29 14.58 20.90
N ASP B 341 -22.85 15.29 21.88
CA ASP B 341 -24.26 15.13 22.24
C ASP B 341 -25.18 15.75 21.19
N PRO B 342 -25.25 17.08 21.16
CA PRO B 342 -26.14 17.82 20.24
C PRO B 342 -27.60 17.70 20.66
#